data_2C53
#
_entry.id   2C53
#
_cell.length_a   42.406
_cell.length_b   61.161
_cell.length_c   43.620
_cell.angle_alpha   90.00
_cell.angle_beta   93.15
_cell.angle_gamma   90.00
#
_symmetry.space_group_name_H-M   'P 1 21 1'
#
loop_
_entity.id
_entity.type
_entity.pdbx_description
1 polymer 'URACIL DNA GLYCOSYLASE'
2 non-polymer "2'-DEOXYURIDINE"
3 non-polymer GLYCEROL
4 water water
#
_entity_poly.entity_id   1
_entity_poly.type   'polypeptide(L)'
_entity_poly.pdbx_seq_one_letter_code
;MDLTNGGVSPAATSAPLDWTTFRRVFLIDDAWRPLMEPELANPLTAHLLAEYNRRCQTEEVLPPREDVFSWTRYCTPDEV
RVVIIGQNPYHHPGQAHGLAFSVRANVPPPPSLRNVLAAVKNCYPEARMSGHGCLEKWARDGVLLLNTTLTVKRGAAASH
SRIGWDRFVGGVIRRLAARRPGLVFMLWGTHAQNAIRPDPRVHCVLKFSNPSPLSKVPFGTCQHFLVANRYLETRSISPI
DWSV
;
_entity_poly.pdbx_strand_id   A
#
loop_
_chem_comp.id
_chem_comp.type
_chem_comp.name
_chem_comp.formula
DUR non-polymer 2'-DEOXYURIDINE 'C9 H12 N2 O5'
GOL non-polymer GLYCEROL 'C3 H8 O3'
#
# COMPACT_ATOMS: atom_id res chain seq x y z
N LEU A 17 -19.70 -6.25 -13.91
CA LEU A 17 -18.36 -5.69 -14.21
C LEU A 17 -17.60 -6.73 -15.01
N ASP A 18 -16.98 -6.30 -16.10
CA ASP A 18 -16.23 -7.20 -16.96
C ASP A 18 -14.70 -7.02 -16.72
N TRP A 19 -13.95 -8.10 -16.51
CA TRP A 19 -12.51 -7.94 -16.25
C TRP A 19 -11.73 -7.23 -17.35
N THR A 20 -11.90 -7.67 -18.60
CA THR A 20 -11.16 -7.04 -19.70
C THR A 20 -11.28 -5.54 -19.72
N THR A 21 -12.51 -5.06 -19.54
CA THR A 21 -12.74 -3.63 -19.57
C THR A 21 -12.14 -2.92 -18.35
N PHE A 22 -12.37 -3.50 -17.17
CA PHE A 22 -11.85 -2.97 -15.89
C PHE A 22 -10.34 -2.83 -15.99
N ARG A 23 -9.69 -3.91 -16.45
CA ARG A 23 -8.23 -3.97 -16.58
C ARG A 23 -7.71 -2.90 -17.54
N ARG A 24 -8.41 -2.73 -18.66
CA ARG A 24 -8.00 -1.76 -19.66
C ARG A 24 -8.16 -0.34 -19.16
N VAL A 25 -9.27 -0.03 -18.50
CA VAL A 25 -9.46 1.33 -18.01
C VAL A 25 -8.40 1.75 -16.97
N PHE A 26 -8.03 0.85 -16.07
CA PHE A 26 -7.07 1.15 -15.02
C PHE A 26 -5.61 0.70 -15.27
N LEU A 27 -5.35 0.17 -16.46
CA LEU A 27 -4.02 -0.34 -16.82
C LEU A 27 -3.48 -1.29 -15.72
N ILE A 28 -4.32 -2.22 -15.31
CA ILE A 28 -3.95 -3.18 -14.29
C ILE A 28 -3.16 -4.32 -14.94
N ASP A 29 -2.09 -4.74 -14.33
CA ASP A 29 -1.35 -5.86 -14.94
C ASP A 29 -2.14 -7.15 -14.73
N ASP A 30 -2.27 -7.97 -15.76
CA ASP A 30 -3.02 -9.20 -15.68
C ASP A 30 -2.57 -10.25 -14.63
N ALA A 31 -1.37 -10.16 -14.08
CA ALA A 31 -0.98 -11.18 -13.10
C ALA A 31 -1.90 -11.08 -11.87
N TRP A 32 -2.57 -9.94 -11.69
CA TRP A 32 -3.37 -9.76 -10.50
C TRP A 32 -4.81 -10.23 -10.72
N ARG A 33 -5.11 -10.64 -11.94
CA ARG A 33 -6.47 -11.06 -12.25
C ARG A 33 -7.12 -12.05 -11.26
N PRO A 34 -6.44 -13.14 -10.93
CA PRO A 34 -7.10 -14.08 -10.00
C PRO A 34 -7.43 -13.48 -8.64
N LEU A 35 -6.73 -12.42 -8.26
CA LEU A 35 -7.00 -11.84 -6.94
C LEU A 35 -8.02 -10.71 -6.99
N MET A 36 -8.18 -10.09 -8.15
CA MET A 36 -9.09 -8.96 -8.29
C MET A 36 -10.38 -9.22 -9.06
N GLU A 37 -10.31 -10.08 -10.08
CA GLU A 37 -11.51 -10.32 -10.86
C GLU A 37 -12.72 -10.75 -9.96
N PRO A 38 -12.49 -11.61 -8.96
CA PRO A 38 -13.67 -11.99 -8.16
C PRO A 38 -14.33 -10.79 -7.50
N GLU A 39 -13.58 -9.72 -7.23
CA GLU A 39 -14.18 -8.55 -6.58
C GLU A 39 -15.26 -7.91 -7.45
N LEU A 40 -15.12 -8.08 -8.77
CA LEU A 40 -16.09 -7.51 -9.69
C LEU A 40 -17.49 -8.20 -9.63
N ALA A 41 -17.59 -9.33 -8.93
CA ALA A 41 -18.88 -10.05 -8.84
C ALA A 41 -19.61 -9.54 -7.59
N ASN A 42 -18.91 -8.76 -6.76
CA ASN A 42 -19.55 -8.21 -5.57
C ASN A 42 -20.33 -6.95 -6.02
N PRO A 43 -21.65 -6.95 -5.79
CA PRO A 43 -22.52 -5.84 -6.17
C PRO A 43 -21.98 -4.48 -5.68
N LEU A 44 -21.35 -4.49 -4.51
CA LEU A 44 -20.81 -3.25 -3.98
C LEU A 44 -19.66 -2.67 -4.79
N THR A 45 -18.99 -3.49 -5.59
CA THR A 45 -17.89 -2.97 -6.39
C THR A 45 -18.43 -2.04 -7.45
N ALA A 46 -19.58 -2.41 -8.02
CA ALA A 46 -20.20 -1.58 -9.03
C ALA A 46 -20.57 -0.23 -8.43
N HIS A 47 -21.10 -0.26 -7.21
CA HIS A 47 -21.50 0.99 -6.55
C HIS A 47 -20.26 1.87 -6.31
N LEU A 48 -19.19 1.25 -5.84
CA LEU A 48 -17.90 1.92 -5.62
C LEU A 48 -17.40 2.57 -6.93
N LEU A 49 -17.36 1.78 -8.00
CA LEU A 49 -16.87 2.32 -9.27
C LEU A 49 -17.76 3.41 -9.81
N ALA A 50 -19.07 3.31 -9.56
CA ALA A 50 -19.93 4.40 -10.07
C ALA A 50 -19.62 5.69 -9.30
N GLU A 51 -19.47 5.59 -7.99
CA GLU A 51 -19.19 6.76 -7.18
C GLU A 51 -17.83 7.34 -7.60
N TYR A 52 -16.83 6.48 -7.74
CA TYR A 52 -15.50 6.96 -8.17
C TYR A 52 -15.64 7.75 -9.50
N ASN A 53 -16.38 7.19 -10.46
CA ASN A 53 -16.53 7.92 -11.71
C ASN A 53 -17.28 9.22 -11.51
N ARG A 54 -18.30 9.18 -10.67
CA ARG A 54 -19.03 10.39 -10.38
C ARG A 54 -18.05 11.43 -9.83
N ARG A 55 -17.31 11.04 -8.80
CA ARG A 55 -16.33 11.97 -8.22
C ARG A 55 -15.39 12.50 -9.29
N CYS A 56 -14.89 11.63 -10.18
CA CYS A 56 -13.95 12.11 -11.20
C CYS A 56 -14.54 13.17 -12.12
N GLN A 57 -15.84 13.11 -12.32
CA GLN A 57 -16.50 14.06 -13.21
C GLN A 57 -16.81 15.40 -12.55
N THR A 58 -16.68 15.46 -11.24
CA THR A 58 -16.97 16.67 -10.52
C THR A 58 -15.77 17.23 -9.70
N GLU A 59 -14.68 16.48 -9.61
CA GLU A 59 -13.53 16.88 -8.78
C GLU A 59 -12.22 16.51 -9.40
N GLU A 60 -11.13 17.18 -8.99
CA GLU A 60 -9.85 16.74 -9.51
C GLU A 60 -9.51 15.61 -8.51
N VAL A 61 -9.53 14.36 -8.97
CA VAL A 61 -9.26 13.21 -8.15
C VAL A 61 -7.83 12.74 -8.34
N LEU A 62 -7.23 12.39 -7.21
CA LEU A 62 -5.85 11.95 -7.18
C LEU A 62 -5.75 10.56 -6.52
N PRO A 63 -4.79 9.76 -6.93
CA PRO A 63 -3.85 10.03 -8.02
C PRO A 63 -4.59 9.89 -9.39
N PRO A 64 -3.92 10.25 -10.49
CA PRO A 64 -4.46 10.16 -11.85
C PRO A 64 -4.96 8.73 -11.99
N ARG A 65 -5.99 8.56 -12.81
CA ARG A 65 -6.61 7.26 -12.98
C ARG A 65 -5.61 6.16 -13.32
N GLU A 66 -4.65 6.50 -14.18
CA GLU A 66 -3.65 5.53 -14.64
C GLU A 66 -2.75 5.00 -13.53
N ASP A 67 -2.68 5.73 -12.40
CA ASP A 67 -1.84 5.36 -11.27
C ASP A 67 -2.57 4.74 -10.07
N VAL A 68 -3.91 4.77 -10.09
CA VAL A 68 -4.69 4.25 -8.97
C VAL A 68 -4.34 2.79 -8.60
N PHE A 69 -4.03 2.00 -9.63
CA PHE A 69 -3.64 0.60 -9.49
C PHE A 69 -2.18 0.34 -9.91
N SER A 70 -1.30 1.34 -9.72
CA SER A 70 0.13 1.13 -10.07
C SER A 70 0.73 -0.02 -9.28
N TRP A 71 0.19 -0.25 -8.09
CA TRP A 71 0.64 -1.33 -7.24
C TRP A 71 0.48 -2.72 -7.89
N THR A 72 -0.37 -2.84 -8.90
CA THR A 72 -0.51 -4.15 -9.57
C THR A 72 0.61 -4.37 -10.60
N ARG A 73 1.31 -3.30 -10.97
CA ARG A 73 2.35 -3.35 -11.98
C ARG A 73 3.79 -3.57 -11.49
N TYR A 74 4.13 -3.06 -10.31
CA TYR A 74 5.50 -3.20 -9.83
C TYR A 74 5.95 -4.64 -9.56
N CYS A 75 5.03 -5.50 -9.10
CA CYS A 75 5.35 -6.89 -8.87
C CYS A 75 4.05 -7.68 -9.00
N THR A 76 4.19 -8.99 -9.14
CA THR A 76 3.02 -9.90 -9.24
C THR A 76 2.59 -10.36 -7.83
N PRO A 77 1.41 -10.98 -7.71
CA PRO A 77 1.00 -11.44 -6.38
C PRO A 77 2.00 -12.41 -5.77
N ASP A 78 2.49 -13.37 -6.57
CA ASP A 78 3.41 -14.36 -6.01
C ASP A 78 4.74 -13.82 -5.58
N GLU A 79 5.07 -12.60 -5.99
CA GLU A 79 6.31 -11.96 -5.58
C GLU A 79 6.14 -11.21 -4.26
N VAL A 80 4.91 -11.00 -3.81
CA VAL A 80 4.75 -10.22 -2.58
C VAL A 80 5.34 -10.92 -1.37
N ARG A 81 6.21 -10.22 -0.64
CA ARG A 81 6.82 -10.75 0.58
C ARG A 81 6.34 -10.04 1.83
N VAL A 82 6.11 -8.74 1.69
CA VAL A 82 5.69 -7.87 2.83
C VAL A 82 4.52 -7.00 2.35
N VAL A 83 3.56 -6.79 3.24
CA VAL A 83 2.41 -5.96 2.92
C VAL A 83 2.44 -4.83 3.96
N ILE A 84 2.48 -3.59 3.47
CA ILE A 84 2.48 -2.42 4.35
C ILE A 84 1.18 -1.66 4.01
N ILE A 85 0.32 -1.52 5.01
CA ILE A 85 -0.97 -0.88 4.79
C ILE A 85 -0.97 0.62 5.10
N GLY A 86 -1.54 1.41 4.16
CA GLY A 86 -1.66 2.85 4.35
C GLY A 86 -3.13 3.20 4.49
N GLN A 87 -3.43 4.48 4.68
CA GLN A 87 -4.83 4.90 4.81
C GLN A 87 -5.32 5.60 3.51
N ASN A 88 -4.98 6.88 3.33
CA ASN A 88 -5.42 7.64 2.14
C ASN A 88 -4.25 8.19 1.36
N PRO A 89 -4.43 8.37 0.03
CA PRO A 89 -3.33 8.93 -0.75
C PRO A 89 -3.09 10.41 -0.41
N TYR A 90 -1.88 10.89 -0.70
CA TYR A 90 -1.57 12.32 -0.55
C TYR A 90 -2.54 13.08 -1.42
N HIS A 91 -2.97 14.27 -0.99
CA HIS A 91 -3.97 15.04 -1.74
C HIS A 91 -3.47 16.28 -2.49
N HIS A 92 -2.14 16.42 -2.65
CA HIS A 92 -1.54 17.52 -3.39
C HIS A 92 -1.02 16.98 -4.77
N PRO A 93 -1.22 17.76 -5.84
CA PRO A 93 -0.75 17.33 -7.17
C PRO A 93 0.71 16.92 -7.20
N GLY A 94 1.02 15.83 -7.90
CA GLY A 94 2.43 15.43 -8.03
C GLY A 94 2.98 14.58 -6.91
N GLN A 95 2.21 14.38 -5.86
CA GLN A 95 2.70 13.55 -4.78
C GLN A 95 2.39 12.06 -4.92
N ALA A 96 1.11 11.70 -4.80
CA ALA A 96 0.70 10.28 -4.87
C ALA A 96 0.81 9.70 -6.26
N HIS A 97 1.15 8.41 -6.30
CA HIS A 97 1.24 7.71 -7.52
C HIS A 97 0.78 6.25 -7.43
N GLY A 98 -0.10 5.93 -6.50
CA GLY A 98 -0.62 4.57 -6.43
C GLY A 98 -0.07 3.64 -5.36
N LEU A 99 1.04 4.03 -4.74
CA LEU A 99 1.62 3.20 -3.65
C LEU A 99 1.46 3.91 -2.33
N ALA A 100 1.14 3.16 -1.26
CA ALA A 100 1.07 3.77 0.05
C ALA A 100 2.43 4.43 0.40
N PHE A 101 2.38 5.62 1.02
CA PHE A 101 3.52 6.37 1.55
C PHE A 101 4.46 7.02 0.55
N SER A 102 4.67 6.33 -0.55
CA SER A 102 5.56 6.79 -1.62
C SER A 102 5.15 8.12 -2.30
N VAL A 103 6.16 8.88 -2.74
CA VAL A 103 5.89 10.12 -3.49
C VAL A 103 6.74 10.06 -4.74
N ARG A 104 6.38 10.83 -5.74
CA ARG A 104 7.18 10.86 -6.97
C ARG A 104 8.61 11.31 -6.62
N ALA A 105 9.57 10.85 -7.41
CA ALA A 105 10.97 11.07 -7.12
C ALA A 105 11.53 12.46 -6.99
N ASN A 106 10.77 13.49 -7.36
CA ASN A 106 11.27 14.87 -7.25
C ASN A 106 10.73 15.59 -6.04
N VAL A 107 9.95 14.86 -5.24
CA VAL A 107 9.32 15.39 -4.02
C VAL A 107 10.04 15.04 -2.71
N PRO A 108 10.44 16.05 -1.88
CA PRO A 108 11.12 15.74 -0.61
C PRO A 108 10.10 14.92 0.20
N PRO A 109 10.56 13.85 0.88
CA PRO A 109 9.63 13.03 1.65
C PRO A 109 8.77 13.82 2.65
N PRO A 110 7.44 13.68 2.59
CA PRO A 110 6.50 14.37 3.51
C PRO A 110 6.82 13.80 4.89
N PRO A 111 6.37 14.46 5.94
CA PRO A 111 6.67 13.98 7.30
C PRO A 111 6.53 12.50 7.64
N SER A 112 5.41 11.88 7.30
CA SER A 112 5.28 10.49 7.74
C SER A 112 6.29 9.60 7.01
N LEU A 113 6.49 9.86 5.72
CA LEU A 113 7.45 9.05 4.97
C LEU A 113 8.87 9.36 5.50
N ARG A 114 9.15 10.62 5.80
CA ARG A 114 10.43 10.97 6.37
C ARG A 114 10.61 10.14 7.66
N ASN A 115 9.56 10.03 8.45
CA ASN A 115 9.66 9.25 9.70
C ASN A 115 9.92 7.74 9.40
N VAL A 116 9.25 7.20 8.39
CA VAL A 116 9.48 5.80 8.04
C VAL A 116 10.95 5.58 7.62
N LEU A 117 11.46 6.48 6.79
CA LEU A 117 12.82 6.34 6.27
C LEU A 117 13.83 6.52 7.38
N ALA A 118 13.49 7.27 8.44
CA ALA A 118 14.42 7.47 9.57
C ALA A 118 14.53 6.15 10.29
N ALA A 119 13.42 5.45 10.47
CA ALA A 119 13.47 4.15 11.12
C ALA A 119 14.27 3.17 10.25
N VAL A 120 14.11 3.26 8.93
CA VAL A 120 14.84 2.34 8.08
C VAL A 120 16.33 2.55 8.31
N LYS A 121 16.72 3.83 8.31
CA LYS A 121 18.11 4.17 8.49
C LYS A 121 18.61 3.77 9.89
N ASN A 122 17.74 3.81 10.90
CA ASN A 122 18.18 3.42 12.23
C ASN A 122 18.42 1.90 12.29
N CYS A 123 17.58 1.15 11.58
CA CYS A 123 17.69 -0.29 11.49
C CYS A 123 18.94 -0.73 10.73
N TYR A 124 19.27 0.05 9.71
CA TYR A 124 20.39 -0.19 8.80
C TYR A 124 21.24 1.01 8.63
N PRO A 125 22.08 1.27 9.61
CA PRO A 125 22.99 2.39 9.62
C PRO A 125 23.85 2.50 8.35
N GLU A 126 24.14 1.37 7.72
CA GLU A 126 24.97 1.39 6.50
C GLU A 126 24.17 1.46 5.17
N ALA A 127 22.85 1.47 5.28
CA ALA A 127 22.00 1.58 4.10
C ALA A 127 22.36 2.85 3.32
N ARG A 128 22.51 2.72 2.01
CA ARG A 128 22.81 3.85 1.15
C ARG A 128 21.47 4.44 0.71
N MET A 129 20.98 5.45 1.42
CA MET A 129 19.70 6.08 1.10
C MET A 129 19.85 7.15 0.00
N SER A 130 18.80 7.35 -0.81
CA SER A 130 18.88 8.33 -1.88
C SER A 130 18.51 9.76 -1.46
N GLY A 131 17.64 9.86 -0.46
CA GLY A 131 17.14 11.16 -0.03
C GLY A 131 15.75 11.38 -0.64
N HIS A 132 15.42 10.62 -1.69
CA HIS A 132 14.08 10.80 -2.25
C HIS A 132 13.08 9.85 -1.59
N GLY A 133 11.79 10.02 -1.90
CA GLY A 133 10.77 9.20 -1.26
C GLY A 133 9.97 8.32 -2.20
N CYS A 134 10.56 7.99 -3.36
CA CYS A 134 9.85 7.13 -4.33
C CYS A 134 10.21 5.68 -4.01
N LEU A 135 9.19 4.91 -3.63
CA LEU A 135 9.39 3.55 -3.15
C LEU A 135 9.25 2.50 -4.23
N GLU A 136 9.35 2.93 -5.48
CA GLU A 136 9.30 1.98 -6.59
C GLU A 136 10.24 0.80 -6.38
N LYS A 137 11.42 1.03 -5.84
CA LYS A 137 12.39 -0.09 -5.64
C LYS A 137 11.82 -1.18 -4.67
N TRP A 138 11.21 -0.74 -3.57
CA TRP A 138 10.59 -1.67 -2.63
C TRP A 138 9.47 -2.45 -3.29
N ALA A 139 8.60 -1.75 -4.03
CA ALA A 139 7.47 -2.41 -4.71
C ALA A 139 7.95 -3.47 -5.70
N ARG A 140 8.94 -3.14 -6.50
CA ARG A 140 9.47 -4.15 -7.44
C ARG A 140 10.03 -5.38 -6.72
N ASP A 141 10.52 -5.18 -5.49
CA ASP A 141 11.03 -6.26 -4.65
C ASP A 141 9.92 -6.98 -3.85
N GLY A 142 8.67 -6.68 -4.15
CA GLY A 142 7.57 -7.37 -3.48
C GLY A 142 7.13 -6.75 -2.15
N VAL A 143 7.42 -5.48 -1.93
CA VAL A 143 6.88 -4.82 -0.72
C VAL A 143 5.57 -4.19 -1.27
N LEU A 144 4.41 -4.75 -0.91
CA LEU A 144 3.11 -4.26 -1.40
C LEU A 144 2.69 -3.10 -0.50
N LEU A 145 2.67 -1.90 -1.07
CA LEU A 145 2.37 -0.65 -0.34
C LEU A 145 0.93 -0.29 -0.75
N LEU A 146 -0.03 -0.74 0.06
CA LEU A 146 -1.41 -0.61 -0.29
C LEU A 146 -2.25 0.23 0.68
N ASN A 147 -2.77 1.34 0.16
CA ASN A 147 -3.66 2.16 0.97
C ASN A 147 -5.05 1.44 0.97
N THR A 148 -5.81 1.56 2.07
CA THR A 148 -7.17 0.99 2.08
C THR A 148 -8.14 1.90 1.27
N THR A 149 -7.84 3.19 1.11
CA THR A 149 -8.64 4.10 0.25
C THR A 149 -7.67 4.48 -0.88
N LEU A 150 -8.04 4.22 -2.13
CA LEU A 150 -7.15 4.46 -3.22
C LEU A 150 -7.19 5.83 -3.90
N THR A 151 -8.21 6.65 -3.62
CA THR A 151 -8.31 7.95 -4.25
C THR A 151 -8.61 9.03 -3.21
N VAL A 152 -8.52 10.27 -3.65
CA VAL A 152 -8.82 11.39 -2.77
C VAL A 152 -9.12 12.63 -3.63
N LYS A 153 -9.90 13.57 -3.09
CA LYS A 153 -10.17 14.79 -3.81
C LYS A 153 -9.02 15.71 -3.51
N ARG A 154 -8.49 16.30 -4.58
CA ARG A 154 -7.37 17.22 -4.40
C ARG A 154 -7.67 18.30 -3.32
N GLY A 155 -6.74 18.51 -2.40
CA GLY A 155 -6.95 19.55 -1.40
C GLY A 155 -7.88 19.21 -0.24
N ALA A 156 -8.30 17.94 -0.10
CA ALA A 156 -9.23 17.59 0.98
C ALA A 156 -8.79 16.23 1.46
N ALA A 157 -7.98 16.25 2.53
CA ALA A 157 -7.45 15.00 3.05
C ALA A 157 -8.56 13.99 3.40
N ALA A 158 -8.31 12.72 3.05
CA ALA A 158 -9.22 11.64 3.43
C ALA A 158 -10.62 11.80 2.89
N SER A 159 -10.80 12.65 1.88
CA SER A 159 -12.11 12.91 1.35
C SER A 159 -12.83 11.75 0.67
N HIS A 160 -12.11 10.71 0.26
CA HIS A 160 -12.81 9.59 -0.39
C HIS A 160 -12.85 8.36 0.52
N SER A 161 -12.56 8.57 1.80
CA SER A 161 -12.47 7.45 2.75
C SER A 161 -13.75 6.68 3.00
N ARG A 162 -14.88 7.26 2.60
CA ARG A 162 -16.14 6.56 2.81
C ARG A 162 -16.80 6.07 1.54
N ILE A 163 -16.12 6.10 0.40
CA ILE A 163 -16.80 5.67 -0.83
C ILE A 163 -16.79 4.16 -1.14
N GLY A 164 -16.14 3.33 -0.30
CA GLY A 164 -16.11 1.90 -0.53
C GLY A 164 -14.81 1.23 -0.94
N TRP A 165 -13.70 1.96 -1.11
CA TRP A 165 -12.43 1.34 -1.49
C TRP A 165 -11.91 0.33 -0.48
N ASP A 166 -12.11 0.63 0.80
CA ASP A 166 -11.58 -0.21 1.87
C ASP A 166 -12.10 -1.64 1.83
N ARG A 167 -13.37 -1.83 1.49
CA ARG A 167 -13.90 -3.20 1.40
C ARG A 167 -13.29 -3.92 0.19
N PHE A 168 -13.13 -3.21 -0.94
CA PHE A 168 -12.54 -3.78 -2.13
C PHE A 168 -11.10 -4.18 -1.87
N VAL A 169 -10.32 -3.25 -1.33
CA VAL A 169 -8.92 -3.53 -1.05
C VAL A 169 -8.81 -4.66 -0.02
N GLY A 170 -9.72 -4.65 0.96
CA GLY A 170 -9.70 -5.70 1.96
C GLY A 170 -9.91 -7.07 1.31
N GLY A 171 -10.77 -7.12 0.29
CA GLY A 171 -11.06 -8.38 -0.40
C GLY A 171 -9.82 -8.90 -1.07
N VAL A 172 -9.14 -8.01 -1.77
CA VAL A 172 -7.89 -8.37 -2.44
C VAL A 172 -6.83 -8.90 -1.50
N ILE A 173 -6.61 -8.17 -0.40
CA ILE A 173 -5.62 -8.58 0.57
C ILE A 173 -5.98 -9.93 1.19
N ARG A 174 -7.25 -10.13 1.49
CA ARG A 174 -7.70 -11.41 2.08
C ARG A 174 -7.41 -12.57 1.09
N ARG A 175 -7.67 -12.35 -0.19
CA ARG A 175 -7.41 -13.38 -1.19
C ARG A 175 -5.92 -13.62 -1.33
N LEU A 176 -5.13 -12.55 -1.28
CA LEU A 176 -3.68 -12.70 -1.37
C LEU A 176 -3.17 -13.51 -0.17
N ALA A 177 -3.70 -13.20 1.02
CA ALA A 177 -3.26 -13.89 2.21
C ALA A 177 -3.54 -15.40 2.17
N ALA A 178 -4.69 -15.77 1.62
CA ALA A 178 -5.12 -17.17 1.53
C ALA A 178 -4.34 -17.92 0.47
N ARG A 179 -3.90 -17.19 -0.53
CA ARG A 179 -3.15 -17.79 -1.61
C ARG A 179 -1.70 -17.87 -1.18
N ARG A 180 -1.29 -16.88 -0.39
CA ARG A 180 0.13 -16.79 0.06
C ARG A 180 0.49 -16.84 1.57
N PRO A 181 0.67 -18.05 2.15
CA PRO A 181 1.04 -18.22 3.55
C PRO A 181 2.46 -17.72 3.84
N GLY A 182 2.71 -17.15 5.02
CA GLY A 182 4.05 -16.71 5.34
C GLY A 182 4.34 -15.27 4.93
N LEU A 183 3.31 -14.46 4.72
CA LEU A 183 3.55 -13.07 4.35
C LEU A 183 3.88 -12.30 5.62
N VAL A 184 4.63 -11.21 5.47
CA VAL A 184 4.87 -10.32 6.60
C VAL A 184 3.88 -9.15 6.43
N PHE A 185 3.16 -8.80 7.50
CA PHE A 185 2.28 -7.61 7.45
C PHE A 185 2.82 -6.56 8.42
N MET A 186 2.90 -5.30 7.97
CA MET A 186 3.32 -4.22 8.84
C MET A 186 2.12 -3.33 8.93
N LEU A 187 1.55 -3.26 10.14
CA LEU A 187 0.33 -2.51 10.43
C LEU A 187 0.69 -1.38 11.42
N TRP A 188 0.82 -0.20 10.86
CA TRP A 188 1.21 0.97 11.60
C TRP A 188 0.02 1.85 11.88
N GLY A 189 -0.31 2.03 13.17
CA GLY A 189 -1.45 2.84 13.54
C GLY A 189 -2.75 2.08 13.68
N THR A 190 -3.71 2.72 14.35
CA THR A 190 -5.01 2.12 14.59
C THR A 190 -5.82 1.70 13.37
N HIS A 191 -5.85 2.57 12.36
CA HIS A 191 -6.61 2.28 11.14
C HIS A 191 -6.13 1.02 10.46
N ALA A 192 -4.82 0.93 10.21
CA ALA A 192 -4.27 -0.27 9.55
C ALA A 192 -4.56 -1.56 10.38
N GLN A 193 -4.38 -1.45 11.69
CA GLN A 193 -4.58 -2.59 12.59
C GLN A 193 -6.04 -3.08 12.66
N ASN A 194 -7.00 -2.18 12.48
CA ASN A 194 -8.41 -2.55 12.49
C ASN A 194 -8.91 -3.07 11.14
N ALA A 195 -8.29 -2.63 10.05
CA ALA A 195 -8.76 -3.02 8.75
C ALA A 195 -8.29 -4.37 8.27
N ILE A 196 -7.10 -4.74 8.71
CA ILE A 196 -6.47 -5.95 8.26
C ILE A 196 -6.19 -6.83 9.46
N ARG A 197 -6.76 -8.02 9.50
CA ARG A 197 -6.56 -8.93 10.64
C ARG A 197 -6.10 -10.37 10.26
N PRO A 198 -4.85 -10.49 9.76
CA PRO A 198 -4.27 -11.77 9.34
C PRO A 198 -4.08 -12.78 10.46
N ASP A 199 -4.19 -14.06 10.12
CA ASP A 199 -4.00 -15.12 11.11
C ASP A 199 -2.51 -15.07 11.46
N PRO A 200 -2.20 -14.71 12.73
CA PRO A 200 -0.80 -14.60 13.20
C PRO A 200 -0.06 -15.92 13.26
N ARG A 201 -0.76 -17.01 12.99
CA ARG A 201 -0.14 -18.33 12.99
C ARG A 201 0.28 -18.75 11.58
N VAL A 202 -0.29 -18.10 10.58
CA VAL A 202 -0.01 -18.36 9.16
C VAL A 202 0.94 -17.26 8.62
N HIS A 203 0.77 -16.04 9.10
CA HIS A 203 1.56 -14.88 8.65
C HIS A 203 2.28 -14.19 9.79
N CYS A 204 3.27 -13.37 9.47
CA CYS A 204 3.98 -12.64 10.51
C CYS A 204 3.30 -11.27 10.56
N VAL A 205 2.60 -11.00 11.66
CA VAL A 205 1.88 -9.72 11.81
C VAL A 205 2.63 -8.80 12.77
N LEU A 206 3.15 -7.69 12.22
CA LEU A 206 3.93 -6.72 12.99
C LEU A 206 3.13 -5.41 13.14
N LYS A 207 2.98 -4.95 14.38
CA LYS A 207 2.24 -3.71 14.65
C LYS A 207 3.11 -2.65 15.28
N PHE A 208 2.84 -1.38 14.98
CA PHE A 208 3.58 -0.28 15.60
C PHE A 208 2.62 0.92 15.55
N SER A 209 3.01 2.00 16.23
CA SER A 209 2.23 3.23 16.18
C SER A 209 2.37 3.83 14.78
N ASN A 210 1.55 4.85 14.48
CA ASN A 210 1.53 5.50 13.15
C ASN A 210 2.77 6.36 12.88
N PRO A 211 3.38 6.29 11.66
CA PRO A 211 4.55 7.18 11.46
C PRO A 211 4.07 8.63 11.23
N SER A 212 2.75 8.82 11.19
CA SER A 212 2.17 10.14 11.00
C SER A 212 2.77 11.16 11.93
N PRO A 213 2.96 12.40 11.43
CA PRO A 213 3.53 13.44 12.28
C PRO A 213 2.62 13.72 13.47
N LEU A 214 1.36 13.28 13.40
CA LEU A 214 0.42 13.53 14.52
C LEU A 214 0.69 12.60 15.67
N SER A 215 1.37 11.48 15.40
CA SER A 215 1.65 10.54 16.47
C SER A 215 2.66 11.20 17.39
N LYS A 216 2.43 11.13 18.68
CA LYS A 216 3.41 11.70 19.61
C LYS A 216 4.40 10.61 20.03
N VAL A 217 4.31 9.44 19.39
CA VAL A 217 5.24 8.35 19.70
C VAL A 217 6.28 8.28 18.59
N PRO A 218 7.58 8.33 18.94
CA PRO A 218 8.61 8.29 17.91
C PRO A 218 8.52 7.03 17.03
N PHE A 219 8.51 7.22 15.71
CA PHE A 219 8.47 6.06 14.82
C PHE A 219 9.88 5.54 14.53
N GLY A 220 10.86 6.37 14.85
CA GLY A 220 12.28 6.09 14.60
C GLY A 220 12.85 4.83 15.22
N THR A 221 12.22 4.35 16.28
CA THR A 221 12.63 3.13 16.94
C THR A 221 11.99 1.88 16.35
N CYS A 222 11.15 2.02 15.34
CA CYS A 222 10.50 0.85 14.75
C CYS A 222 11.54 -0.11 14.20
N GLN A 223 11.48 -1.37 14.62
CA GLN A 223 12.45 -2.36 14.11
C GLN A 223 11.81 -3.36 13.15
N HIS A 224 10.65 -3.03 12.62
CA HIS A 224 9.96 -3.98 11.72
C HIS A 224 10.79 -4.45 10.53
N PHE A 225 11.54 -3.54 9.93
CA PHE A 225 12.33 -3.91 8.76
C PHE A 225 13.28 -5.06 9.06
N LEU A 226 13.87 -5.01 10.26
CA LEU A 226 14.82 -6.07 10.69
C LEU A 226 14.04 -7.31 11.10
N VAL A 227 12.95 -7.13 11.84
CA VAL A 227 12.18 -8.29 12.28
C VAL A 227 11.61 -9.05 11.11
N ALA A 228 11.13 -8.32 10.12
CA ALA A 228 10.59 -8.95 8.93
C ALA A 228 11.63 -9.80 8.25
N ASN A 229 12.83 -9.27 8.10
CA ASN A 229 13.86 -10.03 7.40
C ASN A 229 14.22 -11.29 8.15
N ARG A 230 14.29 -11.21 9.48
CA ARG A 230 14.60 -12.44 10.25
C ARG A 230 13.49 -13.46 10.00
N TYR A 231 12.25 -13.01 10.01
CA TYR A 231 11.13 -13.92 9.79
C TYR A 231 11.22 -14.59 8.39
N LEU A 232 11.44 -13.79 7.36
CA LEU A 232 11.53 -14.31 5.99
C LEU A 232 12.62 -15.39 5.95
N GLU A 233 13.77 -15.13 6.57
CA GLU A 233 14.84 -16.15 6.61
C GLU A 233 14.46 -17.46 7.30
N THR A 234 13.62 -17.42 8.33
CA THR A 234 13.23 -18.67 8.99
C THR A 234 12.28 -19.42 8.10
N ARG A 235 11.73 -18.76 7.09
CA ARG A 235 10.83 -19.40 6.13
C ARG A 235 11.56 -19.67 4.78
N SER A 236 12.88 -19.50 4.78
CA SER A 236 13.72 -19.72 3.58
C SER A 236 13.36 -18.76 2.45
N ILE A 237 12.96 -17.55 2.82
CA ILE A 237 12.60 -16.51 1.83
C ILE A 237 13.69 -15.47 1.90
N SER A 238 14.10 -14.94 0.76
CA SER A 238 15.16 -13.95 0.75
C SER A 238 14.66 -12.71 1.43
N PRO A 239 15.58 -12.00 2.08
CA PRO A 239 15.26 -10.76 2.80
C PRO A 239 15.15 -9.59 1.84
N ILE A 240 14.57 -8.49 2.33
CA ILE A 240 14.39 -7.28 1.57
C ILE A 240 15.58 -6.32 1.83
N ASP A 241 16.11 -5.72 0.77
CA ASP A 241 17.16 -4.68 0.96
C ASP A 241 16.33 -3.42 1.12
N TRP A 242 16.28 -2.86 2.32
CA TRP A 242 15.44 -1.72 2.55
C TRP A 242 16.00 -0.35 2.10
N SER A 243 17.23 -0.30 1.57
CA SER A 243 17.78 0.98 1.11
C SER A 243 16.83 1.54 0.04
N VAL A 244 16.72 2.86 -0.08
CA VAL A 244 15.84 3.41 -1.12
C VAL A 244 16.18 4.87 -1.30
N1 DUR B . -0.57 8.34 4.22
C2 DUR B . -0.95 7.00 3.95
N3 DUR B . -0.77 6.62 2.59
C4 DUR B . -0.28 7.42 1.56
C5 DUR B . 0.09 8.80 1.94
C6 DUR B . -0.08 9.19 3.29
O2 DUR B . -1.39 6.27 4.79
O4 DUR B . -0.16 7.03 0.41
C1' DUR B . -0.75 8.81 5.73
C2' DUR B . 0.25 8.92 6.90
C3' DUR B . -0.36 10.02 7.79
C4' DUR B . -0.90 11.09 6.81
O3' DUR B . -1.49 9.45 8.51
O4' DUR B . -1.49 10.14 5.80
C5' DUR B . 0.23 11.88 6.19
O5' DUR B . 0.74 12.76 7.22
C1 GOL C . -2.91 14.19 18.85
O1 GOL C . -3.13 13.37 17.68
C2 GOL C . -2.25 15.48 18.36
O2 GOL C . -1.91 16.27 19.49
C3 GOL C . -1.00 15.15 17.57
O3 GOL C . -0.41 16.34 17.11
C1 GOL D . 11.94 10.43 13.58
O1 GOL D . 11.58 10.93 12.26
C2 GOL D . 10.79 9.58 14.10
O2 GOL D . 11.13 9.19 15.47
C3 GOL D . 9.48 10.39 14.07
O3 GOL D . 8.38 9.59 14.46
C1 GOL E . -7.06 -14.51 12.71
O1 GOL E . -8.15 -13.57 12.58
C2 GOL E . -7.25 -15.28 14.02
O2 GOL E . -6.28 -16.32 14.07
C3 GOL E . -7.04 -14.39 15.26
O3 GOL E . -7.25 -15.22 16.43
C1 GOL F . 9.79 -21.04 1.39
O1 GOL F . 9.91 -20.49 0.06
C2 GOL F . 8.32 -21.03 1.85
O2 GOL F . 8.27 -21.62 3.15
C3 GOL F . 7.73 -19.62 1.96
O3 GOL F . 6.36 -19.73 2.43
#